data_5X5L
#
_entry.id   5X5L
#
_cell.length_a   55.510
_cell.length_b   71.380
_cell.length_c   78.360
_cell.angle_alpha   101.96
_cell.angle_beta   104.53
_cell.angle_gamma   101.86
#
_symmetry.space_group_name_H-M   'P 1'
#
loop_
_entity.id
_entity.type
_entity.pdbx_description
1 polymer AdeR
2 polymer "DNA (5'-D(P*TP*AP*AP*AP*GP*TP*GP*TP*GP*GP*AP*GP*TP*AP*AP*GP*TP*GP*TP*GP*GP*AP*GP*A)-3')"
3 polymer "DNA (5'-D(P*TP*CP*TP*CP*CP*AP*CP*AP*CP*TP*TP*AP*CP*TP*CP*CP*AP*CP*AP*CP*TP*TP*TP*A)-3')"
4 water water
#
loop_
_entity_poly.entity_id
_entity_poly.type
_entity_poly.pdbx_seq_one_letter_code
_entity_poly.pdbx_strand_id
1 'polypeptide(L)'
;KNKLYKNIEIDTDTHSVYIHSENKKILLNLTLTEYKIISFMIDQPHKVFTRGELMNHCMNDSDALERTVDSHVSKLRKKL
EEQGIFQMLINVRGVGYRLDNPLAVKDDA
;
A,B,E,H,M,N
2 'polydeoxyribonucleotide'
;(DT)(DA)(DA)(DA)(DG)(DT)(DG)(DT)(DG)(DG)(DA)(DG)(DT)(DA)(DA)(DG)(DT)(DG)(DT)(DG)
(DG)(DA)(DG)(DA)(DA)
;
C,F
3 'polydeoxyribonucleotide'
;(DT)(DT)(DC)(DT)(DC)(DC)(DA)(DC)(DA)(DC)(DT)(DT)(DA)(DC)(DT)(DC)(DC)(DA)(DC)(DA)
(DC)(DT)(DT)(DT)(DA)
;
D,G
#
loop_
_chem_comp.id
_chem_comp.type
_chem_comp.name
_chem_comp.formula
DA DNA linking 2'-DEOXYADENOSINE-5'-MONOPHOSPHATE 'C10 H14 N5 O6 P'
DC DNA linking 2'-DEOXYCYTIDINE-5'-MONOPHOSPHATE 'C9 H14 N3 O7 P'
DG DNA linking 2'-DEOXYGUANOSINE-5'-MONOPHOSPHATE 'C10 H14 N5 O7 P'
DT DNA linking THYMIDINE-5'-MONOPHOSPHATE 'C10 H15 N2 O8 P'
#
# COMPACT_ATOMS: atom_id res chain seq x y z
N LYS A 3 15.07 0.09 7.87
CA LYS A 3 13.59 -0.20 7.56
C LYS A 3 13.47 -1.47 6.68
N LEU A 4 12.79 -2.46 7.23
CA LEU A 4 12.92 -3.87 6.76
C LEU A 4 11.54 -4.47 6.61
N TYR A 5 11.32 -5.23 5.52
CA TYR A 5 10.14 -6.07 5.38
C TYR A 5 10.37 -7.24 4.46
N LYS A 6 10.31 -8.46 5.03
CA LYS A 6 10.36 -9.72 4.27
C LYS A 6 11.37 -9.67 3.13
N ASN A 7 12.66 -9.71 3.47
CA ASN A 7 13.76 -9.83 2.52
C ASN A 7 14.02 -8.56 1.63
N ILE A 8 13.42 -7.41 2.01
CA ILE A 8 13.66 -6.11 1.36
C ILE A 8 14.06 -5.10 2.42
N GLU A 9 15.31 -4.65 2.36
CA GLU A 9 15.85 -3.65 3.30
C GLU A 9 16.05 -2.33 2.57
N ILE A 10 15.58 -1.24 3.19
CA ILE A 10 15.81 0.10 2.69
C ILE A 10 16.57 0.87 3.76
N ASP A 11 17.79 1.28 3.43
CA ASP A 11 18.57 2.20 4.26
C ASP A 11 18.25 3.61 3.78
N THR A 12 17.55 4.40 4.58
CA THR A 12 17.13 5.73 4.17
C THR A 12 18.19 6.79 4.14
N ASP A 13 19.27 6.53 4.86
CA ASP A 13 20.41 7.38 4.93
C ASP A 13 21.52 6.40 4.64
N THR A 14 21.96 6.26 3.39
CA THR A 14 21.46 7.04 2.31
C THR A 14 21.23 6.54 0.93
N HIS A 15 19.98 6.13 0.84
CA HIS A 15 19.08 5.97 -0.32
C HIS A 15 19.27 4.66 -1.06
N SER A 16 19.68 3.63 -0.32
CA SER A 16 19.96 2.29 -0.90
C SER A 16 18.81 1.34 -0.55
N VAL A 17 18.44 0.47 -1.51
CA VAL A 17 17.50 -0.61 -1.26
C VAL A 17 18.22 -1.94 -1.56
N TYR A 18 18.21 -2.84 -0.58
CA TYR A 18 18.89 -4.14 -0.69
C TYR A 18 17.90 -5.31 -0.75
N ILE A 19 18.23 -6.34 -1.52
CA ILE A 19 17.56 -7.65 -1.44
C ILE A 19 18.50 -8.64 -0.73
N HIS A 20 17.93 -9.42 0.19
CA HIS A 20 18.72 -10.42 0.94
C HIS A 20 18.72 -11.76 0.19
N LYS A 25 23.40 -9.50 0.46
CA LYS A 25 22.61 -8.32 0.18
C LYS A 25 22.95 -7.87 -1.24
N ILE A 26 21.98 -7.92 -2.17
CA ILE A 26 22.13 -7.33 -3.49
C ILE A 26 21.53 -5.92 -3.54
N LEU A 27 22.32 -4.93 -3.93
CA LEU A 27 21.86 -3.54 -4.05
C LEU A 27 21.12 -3.37 -5.37
N LEU A 28 19.97 -2.68 -5.33
CA LEU A 28 19.20 -2.39 -6.53
C LEU A 28 19.53 -1.03 -7.10
N ASN A 29 19.50 -0.94 -8.42
CA ASN A 29 19.68 0.32 -9.15
C ASN A 29 18.31 0.90 -9.42
N LEU A 30 17.79 1.65 -8.45
CA LEU A 30 16.47 2.26 -8.56
C LEU A 30 16.59 3.70 -8.97
N THR A 31 15.58 4.17 -9.68
CA THR A 31 15.43 5.57 -10.03
C THR A 31 14.86 6.26 -8.77
N LEU A 32 14.86 7.59 -8.75
CA LEU A 32 14.32 8.34 -7.61
C LEU A 32 12.83 8.07 -7.41
N THR A 33 12.06 8.14 -8.46
CA THR A 33 10.62 7.80 -8.43
C THR A 33 10.43 6.37 -7.87
N GLU A 34 11.16 5.42 -8.44
CA GLU A 34 11.13 4.03 -8.01
C GLU A 34 11.49 3.84 -6.52
N TYR A 35 12.51 4.57 -6.06
CA TYR A 35 12.89 4.55 -4.64
C TYR A 35 11.74 5.03 -3.77
N LYS A 36 11.10 6.13 -4.17
CA LYS A 36 10.01 6.72 -3.39
C LYS A 36 8.83 5.75 -3.26
N ILE A 37 8.49 5.09 -4.37
CA ILE A 37 7.40 4.12 -4.40
C ILE A 37 7.65 3.00 -3.37
N ILE A 38 8.77 2.30 -3.51
CA ILE A 38 9.09 1.17 -2.62
C ILE A 38 9.24 1.59 -1.15
N SER A 39 9.81 2.78 -0.91
CA SER A 39 9.98 3.29 0.43
C SER A 39 8.66 3.77 1.06
N PHE A 40 7.74 4.23 0.21
CA PHE A 40 6.40 4.67 0.65
C PHE A 40 5.53 3.47 1.01
N MET A 41 5.51 2.48 0.13
CA MET A 41 4.63 1.32 0.28
C MET A 41 5.07 0.31 1.34
N ILE A 42 6.37 0.24 1.63
CA ILE A 42 6.88 -0.68 2.66
C ILE A 42 6.47 -0.30 4.09
N ASP A 43 6.07 0.95 4.29
CA ASP A 43 5.52 1.40 5.59
C ASP A 43 4.25 0.64 5.95
N GLN A 44 3.36 0.51 4.98
CA GLN A 44 2.12 -0.26 5.09
C GLN A 44 2.10 -1.28 3.94
N PRO A 45 2.82 -2.42 4.11
CA PRO A 45 2.98 -3.37 3.02
C PRO A 45 1.67 -3.84 2.42
N HIS A 46 0.74 -4.24 3.29
CA HIS A 46 -0.53 -4.83 2.88
C HIS A 46 -1.59 -3.81 2.46
N LYS A 47 -1.36 -2.53 2.67
CA LYS A 47 -2.30 -1.48 2.27
C LYS A 47 -2.39 -1.37 0.75
N VAL A 48 -3.60 -1.14 0.26
CA VAL A 48 -3.83 -0.79 -1.13
C VAL A 48 -3.66 0.72 -1.28
N PHE A 49 -2.63 1.14 -2.01
CA PHE A 49 -2.43 2.55 -2.34
C PHE A 49 -3.09 2.83 -3.67
N THR A 50 -3.82 3.93 -3.78
CA THR A 50 -4.41 4.33 -5.05
C THR A 50 -3.33 4.95 -5.93
N ARG A 51 -3.65 5.12 -7.21
CA ARG A 51 -2.72 5.75 -8.15
C ARG A 51 -2.51 7.21 -7.77
N GLY A 52 -3.58 7.87 -7.32
CA GLY A 52 -3.50 9.25 -6.84
C GLY A 52 -2.55 9.44 -5.67
N GLU A 53 -2.55 8.49 -4.74
CA GLU A 53 -1.64 8.54 -3.57
C GLU A 53 -0.19 8.33 -3.99
N LEU A 54 0.05 7.35 -4.86
CA LEU A 54 1.40 7.10 -5.37
C LEU A 54 1.93 8.29 -6.18
N MET A 55 1.06 8.92 -6.96
CA MET A 55 1.43 10.08 -7.78
C MET A 55 1.84 11.26 -6.93
N ASN A 56 1.01 11.63 -5.96
CA ASN A 56 1.28 12.77 -5.08
C ASN A 56 2.51 12.58 -4.19
N HIS A 57 2.78 11.34 -3.81
CA HIS A 57 3.86 11.02 -2.87
C HIS A 57 5.19 10.65 -3.54
N CYS A 58 5.13 10.06 -4.74
CA CYS A 58 6.32 9.48 -5.36
C CYS A 58 6.76 10.05 -6.72
N MET A 59 6.00 10.97 -7.31
CA MET A 59 6.29 11.44 -8.68
C MET A 59 6.49 12.95 -8.78
N ASN A 60 7.16 13.37 -9.86
CA ASN A 60 7.30 14.74 -10.30
C ASN A 60 8.64 15.21 -9.79
N SER A 62 4.00 15.15 -11.88
CA SER A 62 2.86 16.02 -12.14
C SER A 62 1.71 15.59 -11.15
N ASP A 63 0.38 15.67 -11.36
CA ASP A 63 -0.32 16.19 -12.53
C ASP A 63 -0.23 15.36 -13.80
N ALA A 64 0.51 14.22 -13.83
CA ALA A 64 0.58 13.40 -15.02
C ALA A 64 -0.68 12.50 -15.09
N LEU A 65 -0.72 11.61 -16.07
CA LEU A 65 -1.75 10.57 -16.14
C LEU A 65 -1.56 9.51 -15.08
N GLU A 66 -2.65 8.85 -14.70
CA GLU A 66 -2.62 7.76 -13.72
C GLU A 66 -1.93 6.53 -14.31
N ARG A 67 -2.02 6.34 -15.62
CA ARG A 67 -1.34 5.23 -16.26
C ARG A 67 0.18 5.31 -16.11
N THR A 68 0.73 6.51 -16.05
CA THR A 68 2.19 6.70 -15.82
C THR A 68 2.64 6.13 -14.48
N VAL A 69 1.80 6.21 -13.46
CA VAL A 69 2.02 5.49 -12.20
C VAL A 69 2.23 4.00 -12.44
N ASP A 70 1.37 3.39 -13.25
CA ASP A 70 1.44 1.97 -13.56
C ASP A 70 2.83 1.61 -14.11
N SER A 71 3.32 2.45 -15.02
CA SER A 71 4.61 2.19 -15.66
C SER A 71 5.78 2.29 -14.69
N HIS A 72 5.73 3.24 -13.75
CA HIS A 72 6.77 3.31 -12.71
C HIS A 72 6.78 2.06 -11.85
N VAL A 73 5.58 1.56 -11.52
CA VAL A 73 5.42 0.36 -10.70
C VAL A 73 5.92 -0.85 -11.46
N SER A 74 5.58 -0.93 -12.75
CA SER A 74 6.05 -2.01 -13.63
C SER A 74 7.58 -2.09 -13.66
N LYS A 75 8.22 -0.95 -13.91
CA LYS A 75 9.68 -0.87 -13.99
C LYS A 75 10.35 -1.26 -12.68
N LEU A 76 9.77 -0.84 -11.57
CA LEU A 76 10.23 -1.29 -10.25
C LEU A 76 10.04 -2.80 -10.11
N ARG A 77 8.87 -3.30 -10.50
CA ARG A 77 8.55 -4.75 -10.37
C ARG A 77 9.56 -5.58 -11.12
N LYS A 78 9.87 -5.20 -12.36
CA LYS A 78 10.86 -5.92 -13.16
C LYS A 78 12.20 -6.01 -12.43
N LYS A 79 12.64 -4.90 -11.86
CA LYS A 79 13.88 -4.87 -11.09
C LYS A 79 13.85 -5.80 -9.88
N LEU A 80 12.69 -5.88 -9.22
CA LEU A 80 12.51 -6.85 -8.13
C LEU A 80 12.55 -8.29 -8.62
N GLU A 81 11.93 -8.58 -9.77
CA GLU A 81 11.88 -9.96 -10.30
C GLU A 81 13.26 -10.47 -10.73
N GLU A 82 14.11 -9.61 -11.28
CA GLU A 82 15.49 -9.98 -11.64
C GLU A 82 16.39 -10.31 -10.41
N GLN A 83 15.94 -10.00 -9.21
CA GLN A 83 16.55 -10.48 -7.96
C GLN A 83 15.72 -11.59 -7.32
N GLY A 84 14.97 -12.34 -8.15
CA GLY A 84 14.16 -13.46 -7.66
C GLY A 84 13.02 -13.12 -6.71
N ILE A 85 12.43 -11.93 -6.86
CA ILE A 85 11.29 -11.51 -6.04
C ILE A 85 10.09 -11.26 -6.94
N PHE A 86 9.19 -12.25 -6.92
CA PHE A 86 7.98 -12.30 -7.74
C PHE A 86 6.82 -12.17 -6.78
N GLN A 87 5.57 -12.01 -7.29
CA GLN A 87 4.39 -11.79 -6.44
C GLN A 87 4.45 -10.63 -5.41
N MET A 88 5.31 -9.64 -5.66
CA MET A 88 5.30 -8.34 -4.97
C MET A 88 4.67 -7.34 -5.94
N LEU A 89 4.32 -6.15 -5.46
CA LEU A 89 3.64 -5.13 -6.31
C LEU A 89 2.36 -5.57 -7.07
N ILE A 90 1.49 -6.26 -6.34
CA ILE A 90 0.22 -6.78 -6.87
C ILE A 90 -0.78 -5.68 -7.10
N ASN A 91 -1.37 -5.69 -8.29
CA ASN A 91 -2.44 -4.76 -8.65
C ASN A 91 -3.74 -5.21 -7.98
N VAL A 92 -4.52 -4.26 -7.51
CA VAL A 92 -5.86 -4.49 -6.98
C VAL A 92 -6.82 -3.80 -7.93
N ARG A 93 -7.46 -4.57 -8.78
CA ARG A 93 -8.15 -4.07 -9.97
C ARG A 93 -9.15 -2.97 -9.66
N GLY A 94 -8.97 -1.81 -10.30
CA GLY A 94 -9.87 -0.67 -10.14
C GLY A 94 -9.62 0.21 -8.92
N VAL A 95 -8.63 -0.15 -8.09
CA VAL A 95 -8.31 0.60 -6.86
C VAL A 95 -6.87 1.11 -6.93
N GLY A 96 -5.91 0.19 -7.06
CA GLY A 96 -4.51 0.57 -7.25
C GLY A 96 -3.53 -0.57 -7.09
N TYR A 97 -2.64 -0.44 -6.11
CA TYR A 97 -1.57 -1.42 -5.89
C TYR A 97 -1.29 -1.69 -4.43
N ARG A 98 -0.68 -2.84 -4.21
CA ARG A 98 -0.40 -3.35 -2.88
C ARG A 98 1.02 -3.99 -2.97
N LEU A 99 1.84 -3.77 -1.93
CA LEU A 99 3.16 -4.35 -1.90
C LEU A 99 3.09 -5.85 -1.66
N ASP A 100 2.26 -6.30 -0.70
CA ASP A 100 2.08 -7.74 -0.47
C ASP A 100 0.67 -8.11 0.02
N ASN A 101 0.12 -9.21 -0.48
CA ASN A 101 -1.23 -9.62 0.02
C ASN A 101 -1.10 -10.65 1.11
N PRO A 102 -1.95 -10.57 2.15
CA PRO A 102 -1.97 -11.65 3.13
C PRO A 102 -2.73 -12.87 2.60
N ASN B 2 -23.76 2.10 27.73
CA ASN B 2 -24.33 3.30 27.09
C ASN B 2 -23.25 4.29 26.66
N LYS B 3 -23.24 4.58 25.36
CA LYS B 3 -22.43 5.65 24.75
C LYS B 3 -22.62 7.00 25.47
N LEU B 4 -21.52 7.58 25.95
CA LEU B 4 -21.55 8.92 26.57
C LEU B 4 -20.54 9.83 25.87
N TYR B 5 -20.92 11.08 25.64
CA TYR B 5 -19.97 12.11 25.20
C TYR B 5 -20.44 13.51 25.55
N LYS B 6 -19.72 14.16 26.46
CA LYS B 6 -19.93 15.57 26.82
C LYS B 6 -21.41 15.95 26.91
N ASN B 7 -22.06 15.48 27.96
CA ASN B 7 -23.46 15.86 28.27
C ASN B 7 -24.55 15.27 27.31
N ILE B 8 -24.18 14.31 26.47
CA ILE B 8 -25.11 13.57 25.59
C ILE B 8 -24.95 12.08 25.84
N GLU B 9 -25.99 11.46 26.39
CA GLU B 9 -25.98 10.04 26.72
C GLU B 9 -26.95 9.32 25.82
N THR B 12 -28.77 2.93 24.87
CA THR B 12 -28.43 2.21 23.65
C THR B 12 -29.28 0.96 23.41
N ASP B 13 -29.63 0.25 24.47
CA ASP B 13 -30.45 -0.94 24.36
C ASP B 13 -31.87 -0.44 24.32
N THR B 14 -32.15 0.56 25.12
CA THR B 14 -33.45 1.18 25.12
C THR B 14 -33.76 2.07 23.90
N HIS B 15 -32.76 2.42 23.06
CA HIS B 15 -32.92 3.38 21.96
C HIS B 15 -33.20 4.82 22.44
N SER B 16 -32.71 5.15 23.63
CA SER B 16 -32.96 6.45 24.25
C SER B 16 -31.73 7.35 24.13
N VAL B 17 -31.96 8.64 23.89
CA VAL B 17 -30.89 9.65 23.90
C VAL B 17 -31.28 10.70 24.95
N TYR B 18 -30.40 10.95 25.91
CA TYR B 18 -30.61 11.89 27.02
C TYR B 18 -29.71 13.11 26.91
N ILE B 26 -35.41 15.38 29.97
CA ILE B 26 -34.05 15.19 29.47
C ILE B 26 -33.97 14.15 28.37
N LEU B 27 -35.01 13.34 28.19
CA LEU B 27 -35.10 12.42 27.05
C LEU B 27 -35.53 13.17 25.80
N LEU B 28 -34.88 12.89 24.67
CA LEU B 28 -35.19 13.54 23.40
C LEU B 28 -36.13 12.69 22.58
N ASN B 29 -37.01 13.38 21.84
CA ASN B 29 -37.96 12.73 20.94
C ASN B 29 -37.36 12.71 19.55
N LEU B 30 -36.56 11.69 19.27
CA LEU B 30 -35.85 11.57 18.00
C LEU B 30 -36.57 10.61 17.09
N THR B 31 -36.46 10.87 15.80
CA THR B 31 -36.94 9.98 14.77
C THR B 31 -35.89 8.86 14.64
N LEU B 32 -36.22 7.77 13.93
CA LEU B 32 -35.27 6.68 13.71
C LEU B 32 -34.02 7.15 12.96
N THR B 33 -34.22 7.88 11.86
CA THR B 33 -33.09 8.47 11.12
C THR B 33 -32.23 9.34 12.04
N GLU B 34 -32.88 10.24 12.77
CA GLU B 34 -32.21 11.13 13.73
C GLU B 34 -31.44 10.36 14.81
N TYR B 35 -32.01 9.28 15.32
CA TYR B 35 -31.32 8.42 16.30
C TYR B 35 -30.05 7.82 15.69
N LYS B 36 -30.16 7.33 14.46
CA LYS B 36 -29.01 6.70 13.78
C LYS B 36 -27.88 7.69 13.57
N ILE B 37 -28.21 8.92 13.17
CA ILE B 37 -27.23 9.98 12.95
C ILE B 37 -26.44 10.24 14.23
N ILE B 38 -27.12 10.59 15.30
CA ILE B 38 -26.46 10.91 16.59
C ILE B 38 -25.69 9.72 17.17
N SER B 39 -26.23 8.52 17.02
CA SER B 39 -25.57 7.30 17.51
C SER B 39 -24.35 6.91 16.66
N PHE B 40 -24.39 7.24 15.36
CA PHE B 40 -23.29 6.99 14.44
C PHE B 40 -22.13 7.95 14.69
N MET B 41 -22.47 9.24 14.79
CA MET B 41 -21.46 10.30 14.93
C MET B 41 -20.82 10.39 16.30
N ILE B 42 -21.51 9.96 17.36
CA ILE B 42 -20.94 10.00 18.73
C ILE B 42 -19.78 9.00 18.93
N ASP B 43 -19.66 7.99 18.05
CA ASP B 43 -18.53 7.06 18.08
C ASP B 43 -17.21 7.79 17.82
N GLN B 44 -17.23 8.65 16.80
CA GLN B 44 -16.11 9.52 16.45
C GLN B 44 -16.60 10.97 16.45
N PRO B 45 -16.71 11.59 17.63
CA PRO B 45 -17.34 12.91 17.74
C PRO B 45 -16.72 13.96 16.82
N HIS B 46 -15.39 14.02 16.84
CA HIS B 46 -14.64 15.05 16.12
C HIS B 46 -14.42 14.74 14.65
N LYS B 47 -14.75 13.52 14.20
CA LYS B 47 -14.61 13.16 12.79
C LYS B 47 -15.61 13.89 11.92
N VAL B 48 -15.15 14.29 10.73
CA VAL B 48 -16.01 14.84 9.69
C VAL B 48 -16.59 13.68 8.90
N PHE B 49 -17.91 13.50 8.99
CA PHE B 49 -18.62 12.51 8.19
C PHE B 49 -19.12 13.18 6.93
N THR B 50 -18.96 12.53 5.78
CA THR B 50 -19.50 13.06 4.53
C THR B 50 -21.02 12.77 4.50
N ARG B 51 -21.70 13.42 3.56
CA ARG B 51 -23.13 13.21 3.38
C ARG B 51 -23.39 11.78 2.90
N GLY B 52 -22.51 11.27 2.04
CA GLY B 52 -22.58 9.89 1.58
C GLY B 52 -22.49 8.86 2.69
N GLU B 53 -21.62 9.11 3.67
CA GLU B 53 -21.49 8.21 4.83
C GLU B 53 -22.74 8.23 5.71
N LEU B 54 -23.23 9.44 5.99
CA LEU B 54 -24.46 9.59 6.79
C LEU B 54 -25.68 8.95 6.09
N MET B 55 -25.76 9.09 4.77
CA MET B 55 -26.85 8.52 3.98
C MET B 55 -26.87 6.99 4.04
N ASN B 56 -25.71 6.39 3.75
CA ASN B 56 -25.58 4.93 3.75
C ASN B 56 -25.81 4.29 5.13
N HIS B 57 -25.43 5.01 6.18
CA HIS B 57 -25.47 4.49 7.55
C HIS B 57 -26.77 4.83 8.31
N CYS B 58 -27.39 5.97 8.00
CA CYS B 58 -28.49 6.49 8.81
C CYS B 58 -29.84 6.68 8.12
N MET B 59 -29.94 6.45 6.81
CA MET B 59 -31.18 6.69 6.08
C MET B 59 -31.71 5.45 5.35
N ASN B 60 -33.00 5.46 4.97
CA ASN B 60 -33.49 4.69 3.82
C ASN B 60 -33.23 5.54 2.57
N ASP B 61 -33.63 5.06 1.41
CA ASP B 61 -33.28 5.70 0.16
C ASP B 61 -31.87 6.32 0.14
N SER B 62 -30.88 5.45 0.12
CA SER B 62 -29.51 5.77 -0.29
C SER B 62 -29.43 6.41 -1.68
N ASP B 63 -30.43 6.12 -2.52
CA ASP B 63 -30.69 6.89 -3.77
C ASP B 63 -31.33 8.26 -3.61
N ALA B 64 -31.54 8.75 -2.38
CA ALA B 64 -32.07 10.10 -2.18
C ALA B 64 -30.98 11.14 -2.44
N LEU B 65 -31.39 12.41 -2.42
CA LEU B 65 -30.44 13.52 -2.60
C LEU B 65 -29.57 13.71 -1.37
N GLU B 66 -28.37 14.26 -1.57
CA GLU B 66 -27.47 14.56 -0.45
C GLU B 66 -28.01 15.71 0.41
N ARG B 67 -28.77 16.61 -0.22
CA ARG B 67 -29.41 17.69 0.53
C ARG B 67 -30.39 17.19 1.59
N THR B 68 -31.03 16.06 1.35
CA THR B 68 -31.93 15.43 2.34
C THR B 68 -31.20 15.04 3.61
N VAL B 69 -29.95 14.62 3.52
CA VAL B 69 -29.07 14.45 4.68
C VAL B 69 -29.01 15.75 5.50
N ASP B 70 -28.80 16.88 4.85
CA ASP B 70 -28.72 18.18 5.53
C ASP B 70 -29.98 18.43 6.36
N SER B 71 -31.14 18.12 5.79
CA SER B 71 -32.42 18.36 6.48
C SER B 71 -32.58 17.47 7.70
N HIS B 72 -32.15 16.21 7.64
CA HIS B 72 -32.19 15.35 8.82
C HIS B 72 -31.29 15.87 9.92
N VAL B 73 -30.12 16.40 9.54
CA VAL B 73 -29.16 16.95 10.50
C VAL B 73 -29.72 18.21 11.10
N SER B 74 -30.34 19.06 10.28
CA SER B 74 -31.00 20.28 10.75
C SER B 74 -32.06 19.99 11.81
N LYS B 75 -32.95 19.05 11.50
CA LYS B 75 -34.04 18.67 12.42
C LYS B 75 -33.51 18.11 13.73
N LEU B 76 -32.45 17.30 13.65
CA LEU B 76 -31.76 16.84 14.85
C LEU B 76 -31.17 18.02 15.62
N ARG B 77 -30.50 18.93 14.90
CA ARG B 77 -29.84 20.10 15.52
C ARG B 77 -30.84 20.92 16.30
N LYS B 78 -31.99 21.21 15.69
CA LYS B 78 -33.04 21.99 16.36
C LYS B 78 -33.42 21.34 17.68
N LYS B 79 -33.62 20.02 17.68
CA LYS B 79 -33.96 19.29 18.88
C LYS B 79 -32.87 19.38 19.96
N LEU B 80 -31.61 19.38 19.54
CA LEU B 80 -30.50 19.59 20.47
C LEU B 80 -30.49 21.02 21.03
N GLU B 81 -30.76 22.02 20.18
CA GLU B 81 -30.74 23.41 20.64
C GLU B 81 -31.84 23.76 21.65
N GLU B 82 -33.02 23.15 21.48
CA GLU B 82 -34.12 23.35 22.46
C GLU B 82 -33.84 22.73 23.86
N GLN B 83 -32.78 21.92 23.97
CA GLN B 83 -32.25 21.49 25.27
C GLN B 83 -30.95 22.23 25.61
N GLY B 84 -30.80 23.45 25.10
CA GLY B 84 -29.63 24.28 25.36
C GLY B 84 -28.29 23.75 24.88
N ILE B 85 -28.29 23.01 23.77
CA ILE B 85 -27.04 22.50 23.17
C ILE B 85 -26.88 23.08 21.76
N PHE B 86 -26.02 24.08 21.66
CA PHE B 86 -25.75 24.86 20.46
C PHE B 86 -24.33 24.53 20.03
N GLN B 87 -23.87 24.98 18.85
CA GLN B 87 -22.54 24.71 18.32
C GLN B 87 -22.07 23.20 18.27
N MET B 88 -23.08 22.33 18.15
CA MET B 88 -22.85 20.89 18.08
C MET B 88 -22.78 20.34 16.67
N LEU B 89 -23.79 20.26 15.85
CA LEU B 89 -23.65 19.54 14.58
C LEU B 89 -23.04 20.53 13.61
N ILE B 90 -21.75 20.81 13.73
CA ILE B 90 -21.07 21.81 12.90
C ILE B 90 -20.87 21.30 11.47
N ASN B 91 -21.27 22.11 10.50
CA ASN B 91 -21.02 21.82 9.09
C ASN B 91 -19.57 22.15 8.78
N VAL B 92 -18.94 21.33 7.97
CA VAL B 92 -17.58 21.57 7.48
C VAL B 92 -17.73 21.79 5.97
N ARG B 93 -17.67 23.03 5.54
CA ARG B 93 -18.10 23.44 4.21
C ARG B 93 -17.39 22.65 3.11
N GLY B 94 -18.18 22.03 2.23
CA GLY B 94 -17.66 21.25 1.12
C GLY B 94 -17.26 19.81 1.42
N VAL B 95 -17.34 19.40 2.69
CA VAL B 95 -16.91 18.06 3.13
C VAL B 95 -18.09 17.31 3.77
N GLY B 96 -18.68 17.89 4.81
CA GLY B 96 -19.88 17.32 5.44
C GLY B 96 -20.22 17.90 6.80
N TYR B 97 -20.23 17.04 7.81
CA TYR B 97 -20.60 17.43 9.17
C TYR B 97 -19.78 16.75 10.23
N ARG B 98 -19.74 17.42 11.39
CA ARG B 98 -18.98 17.00 12.53
C ARG B 98 -19.86 17.20 13.78
N LEU B 99 -19.77 16.26 14.71
CA LEU B 99 -20.55 16.34 15.94
C LEU B 99 -19.99 17.42 16.85
N ASP B 100 -18.67 17.47 17.01
CA ASP B 100 -18.02 18.52 17.83
C ASP B 100 -16.63 18.91 17.34
N ASN B 101 -16.29 20.20 17.38
CA ASN B 101 -14.97 20.67 17.02
C ASN B 101 -13.93 20.31 18.08
N PRO B 102 -12.69 20.01 17.63
CA PRO B 102 -11.65 19.75 18.63
C PRO B 102 -11.13 21.07 19.20
N LEU B 103 -10.48 20.96 20.35
CA LEU B 103 -9.92 22.12 21.02
C LEU B 103 -8.65 22.53 20.32
N ALA B 104 -8.22 23.77 20.55
CA ALA B 104 -6.89 24.22 20.14
C ALA B 104 -5.92 23.99 21.30
N VAL B 105 -5.72 22.71 21.65
CA VAL B 105 -4.84 22.28 22.75
C VAL B 105 -4.28 20.89 22.44
N ASN C 2 -11.79 -1.02 11.37
CA ASN C 2 -12.35 -2.12 10.52
C ASN C 2 -13.83 -2.34 10.80
N LYS C 3 -14.67 -2.18 9.78
CA LYS C 3 -16.07 -2.63 9.81
C LYS C 3 -16.21 -4.10 10.25
N LEU C 4 -16.96 -4.34 11.32
CA LEU C 4 -17.24 -5.69 11.82
C LEU C 4 -18.75 -5.89 11.93
N TYR C 5 -19.21 -7.09 11.58
CA TYR C 5 -20.58 -7.51 11.91
C TYR C 5 -20.71 -9.03 11.89
N LYS C 6 -20.97 -9.62 13.07
CA LYS C 6 -21.31 -11.04 13.21
C LYS C 6 -20.50 -11.94 12.30
N ASN C 7 -19.22 -12.13 12.64
CA ASN C 7 -18.33 -13.08 11.96
C ASN C 7 -17.89 -12.67 10.52
N ILE C 8 -18.14 -11.40 10.13
CA ILE C 8 -17.68 -10.84 8.85
C ILE C 8 -16.91 -9.55 9.14
N GLU C 9 -15.61 -9.56 8.87
CA GLU C 9 -14.75 -8.40 9.05
C GLU C 9 -14.34 -7.87 7.69
N ILE C 10 -14.44 -6.55 7.52
CA ILE C 10 -13.95 -5.84 6.34
C ILE C 10 -12.88 -4.86 6.79
N ASP C 11 -11.65 -5.08 6.35
CA ASP C 11 -10.56 -4.13 6.53
C ASP C 11 -10.54 -3.22 5.30
N THR C 12 -10.91 -1.96 5.50
CA THR C 12 -11.10 -1.02 4.38
C THR C 12 -9.79 -0.51 3.76
N ASP C 13 -8.69 -0.54 4.52
CA ASP C 13 -7.39 -0.06 4.00
C ASP C 13 -6.74 -1.05 3.03
N THR C 14 -6.80 -2.34 3.38
CA THR C 14 -6.33 -3.39 2.51
C THR C 14 -7.33 -3.84 1.42
N HIS C 15 -8.61 -3.46 1.51
CA HIS C 15 -9.70 -3.96 0.63
C HIS C 15 -9.96 -5.47 0.80
N SER C 16 -9.73 -5.96 2.02
CA SER C 16 -9.88 -7.37 2.35
C SER C 16 -11.19 -7.59 3.12
N VAL C 17 -11.88 -8.71 2.83
CA VAL C 17 -13.01 -9.16 3.64
C VAL C 17 -12.67 -10.54 4.21
N TYR C 18 -12.76 -10.66 5.55
CA TYR C 18 -12.44 -11.90 6.25
C TYR C 18 -13.68 -12.57 6.86
N ILE C 19 -13.69 -13.90 6.87
CA ILE C 19 -14.64 -14.68 7.67
C ILE C 19 -13.90 -15.29 8.87
N HIS C 20 -14.52 -15.20 10.04
CA HIS C 20 -13.93 -15.74 11.27
C HIS C 20 -14.31 -17.22 11.47
N GLU C 22 -13.33 -19.37 13.36
CA GLU C 22 -13.45 -20.46 14.33
C GLU C 22 -12.18 -21.36 14.44
N ASN C 23 -11.04 -20.86 14.93
CA ASN C 23 -10.84 -19.49 15.40
C ASN C 23 -9.76 -18.82 14.53
N LYS C 24 -10.00 -18.82 13.22
CA LYS C 24 -9.08 -18.26 12.23
C LYS C 24 -9.86 -17.47 11.18
N LYS C 25 -9.20 -16.48 10.57
CA LYS C 25 -9.78 -15.55 9.63
C LYS C 25 -9.48 -16.05 8.23
N ILE C 26 -10.51 -16.43 7.48
CA ILE C 26 -10.37 -16.79 6.07
C ILE C 26 -10.66 -15.61 5.14
N LEU C 27 -9.69 -15.27 4.28
CA LEU C 27 -9.83 -14.17 3.33
C LEU C 27 -10.66 -14.60 2.13
N LEU C 28 -11.59 -13.74 1.71
CA LEU C 28 -12.41 -14.00 0.53
C LEU C 28 -11.83 -13.32 -0.69
N ASN C 29 -11.96 -13.99 -1.83
CA ASN C 29 -11.56 -13.43 -3.13
C ASN C 29 -12.81 -12.81 -3.75
N LEU C 30 -13.04 -11.54 -3.43
CA LEU C 30 -14.14 -10.79 -3.99
C LEU C 30 -13.71 -9.95 -5.18
N THR C 31 -14.67 -9.73 -6.06
CA THR C 31 -14.54 -8.81 -7.16
C THR C 31 -14.78 -7.40 -6.58
N LEU C 32 -14.47 -6.36 -7.34
CA LEU C 32 -14.70 -4.98 -6.90
C LEU C 32 -16.18 -4.71 -6.63
N THR C 33 -17.05 -5.09 -7.57
CA THR C 33 -18.50 -4.98 -7.37
C THR C 33 -18.95 -5.70 -6.10
N GLU C 34 -18.51 -6.96 -5.97
CA GLU C 34 -18.81 -7.79 -4.80
C GLU C 34 -18.33 -7.16 -3.49
N TYR C 35 -17.14 -6.57 -3.50
CA TYR C 35 -16.60 -5.86 -2.33
C TYR C 35 -17.51 -4.67 -1.95
N LYS C 36 -17.92 -3.90 -2.95
CA LYS C 36 -18.78 -2.74 -2.72
C LYS C 36 -20.13 -3.13 -2.11
N ILE C 37 -20.72 -4.21 -2.61
CA ILE C 37 -21.99 -4.71 -2.10
C ILE C 37 -21.88 -5.04 -0.62
N ILE C 38 -20.96 -5.93 -0.25
CA ILE C 38 -20.79 -6.34 1.15
C ILE C 38 -20.40 -5.19 2.08
N SER C 39 -19.57 -4.28 1.58
CA SER C 39 -19.14 -3.10 2.37
C SER C 39 -20.25 -2.06 2.51
N PHE C 40 -21.14 -1.99 1.52
CA PHE C 40 -22.29 -1.07 1.54
C PHE C 40 -23.36 -1.57 2.51
N MET C 41 -23.70 -2.86 2.40
CA MET C 41 -24.78 -3.45 3.20
C MET C 41 -24.45 -3.69 4.66
N ILE C 42 -23.16 -3.89 4.99
CA ILE C 42 -22.75 -4.09 6.39
C ILE C 42 -22.91 -2.85 7.28
N ASP C 43 -23.03 -1.67 6.66
CA ASP C 43 -23.32 -0.43 7.40
C ASP C 43 -24.67 -0.49 8.09
N GLN C 44 -25.68 -0.96 7.35
CA GLN C 44 -27.02 -1.21 7.87
C GLN C 44 -27.40 -2.66 7.58
N PRO C 45 -26.91 -3.60 8.42
CA PRO C 45 -27.08 -5.04 8.12
C PRO C 45 -28.53 -5.43 7.89
N HIS C 46 -29.41 -4.98 8.79
CA HIS C 46 -30.81 -5.40 8.75
C HIS C 46 -31.69 -4.64 7.75
N LYS C 47 -31.15 -3.56 7.16
CA LYS C 47 -31.91 -2.80 6.17
C LYS C 47 -32.10 -3.58 4.87
N VAL C 48 -33.28 -3.42 4.28
CA VAL C 48 -33.56 -3.92 2.94
C VAL C 48 -33.09 -2.87 1.95
N PHE C 49 -32.08 -3.21 1.15
CA PHE C 49 -31.62 -2.34 0.06
C PHE C 49 -32.34 -2.75 -1.20
N THR C 50 -32.83 -1.77 -1.96
CA THR C 50 -33.45 -2.06 -3.25
C THR C 50 -32.36 -2.35 -4.29
N ARG C 51 -32.77 -2.87 -5.42
CA ARG C 51 -31.86 -3.14 -6.53
C ARG C 51 -31.30 -1.84 -7.09
N GLY C 52 -32.14 -0.81 -7.13
CA GLY C 52 -31.72 0.53 -7.55
C GLY C 52 -30.63 1.13 -6.68
N GLU C 53 -30.72 0.92 -5.37
CA GLU C 53 -29.70 1.40 -4.44
C GLU C 53 -28.39 0.65 -4.60
N LEU C 54 -28.46 -0.68 -4.71
CA LEU C 54 -27.27 -1.50 -4.93
C LEU C 54 -26.58 -1.17 -6.27
N MET C 55 -27.38 -0.91 -7.30
CA MET C 55 -26.86 -0.58 -8.62
C MET C 55 -26.08 0.74 -8.62
N ASN C 56 -26.70 1.78 -8.08
CA ASN C 56 -26.09 3.12 -8.03
C ASN C 56 -24.83 3.17 -7.16
N HIS C 57 -24.80 2.37 -6.10
CA HIS C 57 -23.73 2.39 -5.11
C HIS C 57 -22.60 1.38 -5.37
N CYS C 58 -22.93 0.25 -5.99
CA CYS C 58 -21.96 -0.86 -6.11
C CYS C 58 -21.57 -1.31 -7.52
N MET C 59 -22.16 -0.74 -8.57
CA MET C 59 -21.89 -1.20 -9.95
C MET C 59 -21.26 -0.19 -10.90
N ASN C 60 -21.79 1.03 -10.91
CA ASN C 60 -21.31 2.13 -11.77
C ASN C 60 -21.03 1.89 -13.28
N SER C 62 -24.35 2.17 -13.82
CA SER C 62 -24.17 1.53 -15.12
C SER C 62 -25.34 1.83 -16.06
N ASP C 63 -26.52 2.12 -15.47
CA ASP C 63 -27.83 2.07 -16.16
C ASP C 63 -28.31 0.68 -16.70
N ALA C 64 -27.74 -0.36 -16.11
CA ALA C 64 -27.97 -1.74 -16.52
C ALA C 64 -29.34 -2.24 -16.03
N LEU C 65 -29.64 -3.51 -16.29
CA LEU C 65 -30.84 -4.15 -15.78
C LEU C 65 -30.74 -4.42 -14.28
N GLU C 66 -31.89 -4.47 -13.62
CA GLU C 66 -31.96 -4.78 -12.19
C GLU C 66 -31.62 -6.24 -11.93
N ARG C 67 -31.90 -7.11 -12.89
CA ARG C 67 -31.54 -8.52 -12.74
C ARG C 67 -30.03 -8.74 -12.62
N THR C 68 -29.23 -7.87 -13.25
CA THR C 68 -27.76 -7.93 -13.12
C THR C 68 -27.29 -7.75 -11.68
N VAL C 69 -27.97 -6.89 -10.93
CA VAL C 69 -27.77 -6.80 -9.47
C VAL C 69 -27.92 -8.16 -8.80
N ASP C 70 -28.98 -8.90 -9.15
CA ASP C 70 -29.24 -10.21 -8.56
C ASP C 70 -28.05 -11.14 -8.76
N SER C 71 -27.48 -11.12 -9.96
CA SER C 71 -26.35 -11.99 -10.28
C SER C 71 -25.10 -11.65 -9.48
N HIS C 72 -24.83 -10.35 -9.27
CA HIS C 72 -23.71 -9.96 -8.42
C HIS C 72 -23.89 -10.44 -6.99
N VAL C 73 -25.13 -10.36 -6.50
CA VAL C 73 -25.46 -10.78 -5.14
C VAL C 73 -25.34 -12.29 -5.03
N SER C 74 -25.81 -13.02 -6.05
CA SER C 74 -25.68 -14.47 -6.12
C SER C 74 -24.23 -14.92 -6.01
N LYS C 75 -23.37 -14.33 -6.85
CA LYS C 75 -21.95 -14.68 -6.88
C LYS C 75 -21.26 -14.38 -5.56
N LEU C 76 -21.62 -13.27 -4.92
CA LEU C 76 -21.14 -12.97 -3.56
C LEU C 76 -21.66 -14.03 -2.59
N ARG C 77 -22.95 -14.37 -2.67
CA ARG C 77 -23.56 -15.34 -1.75
C ARG C 77 -22.85 -16.67 -1.82
N LYS C 78 -22.59 -17.17 -3.04
CA LYS C 78 -21.88 -18.43 -3.20
C LYS C 78 -20.52 -18.41 -2.49
N LYS C 79 -19.79 -17.32 -2.65
CA LYS C 79 -18.49 -17.16 -1.98
C LYS C 79 -18.62 -17.16 -0.45
N LEU C 80 -19.69 -16.57 0.08
CA LEU C 80 -19.99 -16.66 1.51
C LEU C 80 -20.32 -18.08 1.94
N GLU C 81 -21.11 -18.81 1.15
CA GLU C 81 -21.52 -20.18 1.52
C GLU C 81 -20.35 -21.17 1.55
N GLU C 82 -19.39 -21.01 0.63
CA GLU C 82 -18.18 -21.86 0.64
C GLU C 82 -17.25 -21.64 1.86
N GLN C 83 -17.50 -20.59 2.63
CA GLN C 83 -16.88 -20.40 3.96
C GLN C 83 -17.89 -20.69 5.08
N GLY C 84 -18.86 -21.56 4.82
CA GLY C 84 -19.85 -21.95 5.82
C GLY C 84 -20.78 -20.86 6.32
N ILE C 85 -21.09 -19.87 5.48
CA ILE C 85 -22.02 -18.80 5.85
C ILE C 85 -23.23 -18.83 4.91
N PHE C 86 -24.32 -19.38 5.44
CA PHE C 86 -25.55 -19.62 4.68
C PHE C 86 -26.69 -18.61 4.91
N GLN C 87 -26.83 -18.17 6.12
CA GLN C 87 -27.95 -17.28 6.48
C GLN C 87 -27.71 -15.82 6.14
N MET C 88 -26.83 -15.45 5.22
CA MET C 88 -26.63 -14.06 4.81
C MET C 88 -27.29 -13.80 3.46
N LEU C 89 -27.36 -12.54 3.05
CA LEU C 89 -27.89 -12.15 1.72
C LEU C 89 -29.30 -12.63 1.37
N ILE C 90 -30.23 -12.47 2.32
CA ILE C 90 -31.64 -12.86 2.11
C ILE C 90 -32.34 -11.89 1.18
N ASN C 91 -33.04 -12.45 0.22
CA ASN C 91 -33.88 -11.69 -0.71
C ASN C 91 -35.18 -11.35 0.03
N VAL C 92 -35.68 -10.13 -0.18
CA VAL C 92 -36.97 -9.70 0.33
C VAL C 92 -37.83 -9.47 -0.89
N ARG C 93 -38.73 -10.42 -1.14
CA ARG C 93 -39.43 -10.55 -2.42
C ARG C 93 -40.15 -9.25 -2.82
N GLY C 94 -39.83 -8.78 -4.02
CA GLY C 94 -40.42 -7.57 -4.59
C GLY C 94 -39.79 -6.26 -4.17
N VAL C 95 -38.82 -6.29 -3.25
CA VAL C 95 -38.18 -5.07 -2.72
C VAL C 95 -36.69 -5.08 -3.03
N GLY C 96 -35.98 -6.10 -2.53
CA GLY C 96 -34.55 -6.27 -2.85
C GLY C 96 -33.84 -7.28 -1.96
N TYR C 97 -32.83 -6.83 -1.22
CA TYR C 97 -31.98 -7.71 -0.43
C TYR C 97 -31.57 -7.13 0.91
N ARG C 98 -31.22 -8.04 1.80
CA ARG C 98 -30.95 -7.74 3.21
C ARG C 98 -29.82 -8.63 3.64
N LEU C 99 -28.96 -8.18 4.53
CA LEU C 99 -27.96 -9.09 5.20
C LEU C 99 -28.78 -9.85 6.25
N ASP C 100 -28.26 -10.93 6.82
CA ASP C 100 -29.01 -11.78 7.75
C ASP C 100 -30.20 -11.12 8.50
N ASN C 101 -31.28 -11.84 8.67
CA ASN C 101 -32.41 -11.38 9.50
C ASN C 101 -32.05 -11.42 11.00
N ASN D 2 -2.53 10.17 9.68
CA ASN D 2 -1.40 10.40 10.63
C ASN D 2 -0.47 11.55 10.26
N LYS D 3 -0.54 12.14 9.05
CA LYS D 3 0.55 12.88 8.44
C LYS D 3 1.30 13.84 9.36
N LEU D 4 2.61 13.61 9.54
CA LEU D 4 3.47 14.47 10.35
C LEU D 4 4.67 14.95 9.53
N TYR D 5 5.05 16.21 9.71
CA TYR D 5 6.33 16.71 9.22
C TYR D 5 6.80 17.93 9.99
N LYS D 6 7.92 17.78 10.73
CA LYS D 6 8.61 18.89 11.40
C LYS D 6 7.65 19.88 12.04
N ASN D 7 7.04 19.46 13.14
CA ASN D 7 6.19 20.35 13.98
C ASN D 7 4.80 20.74 13.34
N ILE D 8 4.41 20.07 12.26
CA ILE D 8 3.10 20.25 11.62
C ILE D 8 2.43 18.88 11.52
N GLU D 9 1.34 18.71 12.26
CA GLU D 9 0.57 17.46 12.25
C GLU D 9 -0.78 17.72 11.55
N ILE D 10 -1.14 16.83 10.64
CA ILE D 10 -2.46 16.83 10.00
C ILE D 10 -3.15 15.53 10.34
N ASP D 11 -4.26 15.63 11.07
CA ASP D 11 -5.16 14.50 11.32
C ASP D 11 -6.19 14.51 10.20
N THR D 12 -6.12 13.52 9.31
CA THR D 12 -6.97 13.48 8.10
C THR D 12 -8.43 13.09 8.38
N ASP D 13 -8.69 12.38 9.47
CA ASP D 13 -10.07 11.95 9.79
C ASP D 13 -10.92 13.11 10.33
N THR D 14 -10.34 13.91 11.21
CA THR D 14 -10.99 15.10 11.72
C THR D 14 -10.90 16.35 10.81
N HIS D 15 -10.01 16.34 9.78
CA HIS D 15 -9.72 17.53 8.96
C HIS D 15 -9.03 18.67 9.75
N SER D 16 -8.27 18.29 10.78
CA SER D 16 -7.59 19.24 11.65
C SER D 16 -6.10 19.31 11.31
N VAL D 17 -5.53 20.52 11.38
CA VAL D 17 -4.08 20.70 11.25
C VAL D 17 -3.58 21.35 12.56
N TYR D 18 -2.61 20.71 13.20
CA TYR D 18 -2.04 21.17 14.47
C TYR D 18 -0.60 21.67 14.32
N ILE D 19 -0.25 22.71 15.08
CA ILE D 19 1.15 23.11 15.29
C ILE D 19 1.57 22.70 16.71
N HIS D 20 2.78 22.12 16.81
CA HIS D 20 3.31 21.68 18.11
C HIS D 20 4.10 22.82 18.78
N SER D 21 4.10 22.83 20.11
CA SER D 21 4.92 23.76 20.92
C SER D 21 5.03 23.20 22.33
N ILE D 26 -1.52 23.14 18.93
CA ILE D 26 -2.44 24.26 18.69
C ILE D 26 -3.09 24.21 17.27
N LEU D 27 -4.42 24.21 17.29
CA LEU D 27 -5.24 23.93 16.11
C LEU D 27 -5.33 25.17 15.25
N LEU D 28 -5.19 24.99 13.94
CA LEU D 28 -5.34 26.10 12.97
C LEU D 28 -6.74 26.14 12.41
N ASN D 29 -7.21 27.35 12.15
CA ASN D 29 -8.49 27.59 11.49
C ASN D 29 -8.20 27.76 9.99
N LEU D 30 -8.16 26.64 9.28
CA LEU D 30 -7.88 26.66 7.84
C LEU D 30 -9.17 26.55 7.06
N THR D 31 -9.15 27.16 5.89
CA THR D 31 -10.21 27.06 4.91
C THR D 31 -10.02 25.70 4.21
N LEU D 32 -11.02 25.25 3.46
CA LEU D 32 -10.91 23.98 2.72
C LEU D 32 -9.78 24.00 1.71
N THR D 33 -9.71 25.06 0.90
CA THR D 33 -8.59 25.23 -0.05
C THR D 33 -7.25 25.19 0.68
N GLU D 34 -7.13 25.98 1.75
CA GLU D 34 -5.93 26.01 2.58
C GLU D 34 -5.55 24.64 3.16
N TYR D 35 -6.55 23.88 3.62
CA TYR D 35 -6.32 22.52 4.11
C TYR D 35 -5.76 21.62 3.01
N LYS D 36 -6.33 21.71 1.82
CA LYS D 36 -5.89 20.88 0.69
C LYS D 36 -4.44 21.19 0.30
N ILE D 37 -4.09 22.47 0.28
CA ILE D 37 -2.71 22.91 -0.03
C ILE D 37 -1.72 22.28 0.93
N ILE D 38 -1.89 22.52 2.24
CA ILE D 38 -0.96 21.99 3.26
C ILE D 38 -0.92 20.46 3.30
N SER D 39 -2.07 19.83 3.09
CA SER D 39 -2.16 18.36 3.08
C SER D 39 -1.53 17.76 1.81
N PHE D 40 -1.60 18.50 0.70
CA PHE D 40 -1.01 18.07 -0.58
C PHE D 40 0.50 18.19 -0.54
N MET D 41 1.00 19.34 -0.08
CA MET D 41 2.44 19.64 -0.09
C MET D 41 3.24 18.90 0.99
N ILE D 42 2.62 18.53 2.10
CA ILE D 42 3.31 17.80 3.18
C ILE D 42 3.71 16.36 2.78
N ASP D 43 3.09 15.82 1.73
CA ASP D 43 3.46 14.51 1.17
C ASP D 43 4.89 14.52 0.65
N GLN D 44 5.22 15.57 -0.10
CA GLN D 44 6.56 15.83 -0.62
C GLN D 44 6.99 17.23 -0.17
N PRO D 45 7.45 17.36 1.09
CA PRO D 45 7.72 18.69 1.67
C PRO D 45 8.66 19.53 0.82
N HIS D 46 9.76 18.92 0.41
CA HIS D 46 10.85 19.58 -0.31
C HIS D 46 10.60 19.79 -1.80
N LYS D 47 9.56 19.15 -2.35
CA LYS D 47 9.23 19.29 -3.77
C LYS D 47 8.70 20.67 -4.08
N VAL D 48 9.09 21.19 -5.25
CA VAL D 48 8.52 22.41 -5.80
C VAL D 48 7.26 22.03 -6.57
N PHE D 49 6.12 22.50 -6.08
CA PHE D 49 4.84 22.34 -6.78
C PHE D 49 4.61 23.56 -7.64
N THR D 50 4.19 23.36 -8.88
CA THR D 50 3.81 24.46 -9.75
C THR D 50 2.46 25.02 -9.36
N ARG D 51 2.14 26.20 -9.87
CA ARG D 51 0.83 26.80 -9.62
C ARG D 51 -0.27 25.96 -10.26
N GLY D 52 0.01 25.40 -11.44
CA GLY D 52 -0.90 24.50 -12.12
C GLY D 52 -1.25 23.25 -11.32
N GLU D 53 -0.26 22.68 -10.63
CA GLU D 53 -0.47 21.50 -9.79
C GLU D 53 -1.31 21.83 -8.57
N LEU D 54 -0.98 22.94 -7.90
CA LEU D 54 -1.75 23.40 -6.74
C LEU D 54 -3.20 23.73 -7.10
N MET D 55 -3.40 24.34 -8.27
CA MET D 55 -4.73 24.71 -8.76
C MET D 55 -5.61 23.49 -8.99
N ASN D 56 -5.09 22.53 -9.75
CA ASN D 56 -5.82 21.31 -10.08
C ASN D 56 -6.13 20.43 -8.87
N HIS D 57 -5.25 20.45 -7.88
CA HIS D 57 -5.34 19.58 -6.70
C HIS D 57 -6.05 20.22 -5.51
N CYS D 58 -5.95 21.54 -5.36
CA CYS D 58 -6.40 22.22 -4.14
C CYS D 58 -7.50 23.27 -4.28
N MET D 59 -7.93 23.59 -5.51
CA MET D 59 -8.91 24.65 -5.73
C MET D 59 -10.16 24.14 -6.48
N SER D 62 -12.32 25.53 -10.40
CA SER D 62 -12.21 26.50 -11.50
C SER D 62 -10.82 26.44 -12.13
N ASP D 63 -10.71 26.72 -13.43
CA ASP D 63 -9.44 27.09 -14.08
C ASP D 63 -9.37 28.64 -14.07
N ALA D 64 -9.20 29.14 -12.87
CA ALA D 64 -9.01 30.56 -12.59
C ALA D 64 -7.55 30.95 -12.89
N LEU D 65 -7.18 32.17 -12.48
CA LEU D 65 -5.82 32.69 -12.66
C LEU D 65 -4.81 32.01 -11.74
N GLU D 66 -3.56 31.96 -12.18
CA GLU D 66 -2.49 31.39 -11.37
C GLU D 66 -2.16 32.26 -10.17
N ARG D 67 -2.38 33.56 -10.30
CA ARG D 67 -2.16 34.49 -9.19
C ARG D 67 -3.08 34.18 -8.00
N THR D 68 -4.28 33.66 -8.26
CA THR D 68 -5.20 33.25 -7.18
C THR D 68 -4.63 32.15 -6.30
N VAL D 69 -3.87 31.23 -6.90
CA VAL D 69 -3.05 30.27 -6.13
C VAL D 69 -2.15 30.98 -5.13
N ASP D 70 -1.45 32.01 -5.57
CA ASP D 70 -0.55 32.78 -4.71
C ASP D 70 -1.27 33.29 -3.47
N SER D 71 -2.48 33.81 -3.67
CA SER D 71 -3.26 34.38 -2.56
C SER D 71 -3.68 33.32 -1.56
N HIS D 72 -4.05 32.13 -2.02
CA HIS D 72 -4.38 31.04 -1.10
C HIS D 72 -3.16 30.64 -0.27
N VAL D 73 -2.00 30.62 -0.91
CA VAL D 73 -0.75 30.25 -0.24
C VAL D 73 -0.37 31.33 0.76
N SER D 74 -0.53 32.60 0.39
CA SER D 74 -0.29 33.73 1.29
C SER D 74 -1.11 33.64 2.56
N LYS D 75 -2.42 33.44 2.38
CA LYS D 75 -3.35 33.35 3.52
C LYS D 75 -3.02 32.17 4.44
N LEU D 76 -2.64 31.04 3.85
CA LEU D 76 -2.14 29.92 4.64
C LEU D 76 -0.85 30.30 5.37
N ARG D 77 0.08 30.95 4.67
CA ARG D 77 1.38 31.34 5.25
C ARG D 77 1.18 32.21 6.46
N LYS D 78 0.32 33.23 6.35
CA LYS D 78 0.03 34.11 7.47
C LYS D 78 -0.44 33.33 8.69
N LYS D 79 -1.34 32.40 8.48
CA LYS D 79 -1.84 31.54 9.57
C LYS D 79 -0.73 30.70 10.20
N LEU D 80 0.22 30.23 9.40
CA LEU D 80 1.40 29.55 9.94
C LEU D 80 2.31 30.49 10.72
N GLU D 81 2.51 31.71 10.24
CA GLU D 81 3.41 32.67 10.93
C GLU D 81 2.87 33.11 12.30
N GLU D 82 1.55 33.26 12.42
CA GLU D 82 0.93 33.59 13.73
C GLU D 82 1.05 32.48 14.79
N GLN D 83 1.48 31.28 14.38
CA GLN D 83 1.88 30.21 15.31
C GLN D 83 3.41 30.05 15.33
N GLY D 84 4.13 31.14 15.06
CA GLY D 84 5.59 31.13 15.07
C GLY D 84 6.29 30.24 14.06
N ILE D 85 5.68 30.04 12.90
CA ILE D 85 6.29 29.24 11.82
C ILE D 85 6.52 30.12 10.58
N PHE D 86 7.76 30.54 10.40
CA PHE D 86 8.16 31.50 9.37
C PHE D 86 8.84 30.92 8.11
N GLN D 87 9.64 29.92 8.31
CA GLN D 87 10.43 29.37 7.18
C GLN D 87 9.65 28.38 6.30
N MET D 88 8.31 28.40 6.28
CA MET D 88 7.51 27.50 5.48
C MET D 88 7.00 28.24 4.23
N LEU D 89 6.46 27.48 3.28
CA LEU D 89 5.85 28.05 2.05
C LEU D 89 6.72 29.00 1.21
N ILE D 90 7.96 28.59 0.98
CA ILE D 90 8.91 29.38 0.18
C ILE D 90 8.56 29.34 -1.30
N ASN D 91 8.54 30.51 -1.91
CA ASN D 91 8.30 30.66 -3.33
C ASN D 91 9.58 30.30 -4.08
N VAL D 92 9.44 29.60 -5.21
CA VAL D 92 10.55 29.30 -6.10
C VAL D 92 10.24 30.05 -7.39
N ARG D 93 10.95 31.15 -7.57
CA ARG D 93 10.62 32.18 -8.56
C ARG D 93 10.45 31.60 -9.97
N GLY D 94 9.29 31.85 -10.57
CA GLY D 94 8.99 31.41 -11.92
C GLY D 94 8.48 29.98 -12.05
N VAL D 95 8.42 29.23 -10.95
CA VAL D 95 7.99 27.83 -10.96
C VAL D 95 6.75 27.66 -10.08
N GLY D 96 6.89 27.99 -8.79
CA GLY D 96 5.77 27.88 -7.85
C GLY D 96 6.19 27.96 -6.39
N TYR D 97 5.90 26.90 -5.62
CA TYR D 97 6.12 26.90 -4.19
C TYR D 97 6.63 25.58 -3.65
N ARG D 98 7.29 25.68 -2.49
CA ARG D 98 7.88 24.57 -1.79
C ARG D 98 7.55 24.74 -0.30
N LEU D 99 7.23 23.62 0.37
CA LEU D 99 6.93 23.65 1.79
C LEU D 99 8.20 23.93 2.60
N ASP D 100 9.29 23.22 2.30
CA ASP D 100 10.55 23.39 3.04
C ASP D 100 11.80 23.13 2.20
N ASN D 101 12.84 23.97 2.37
CA ASN D 101 14.12 23.72 1.74
C ASN D 101 14.88 22.56 2.34
N PRO D 102 15.64 21.84 1.50
CA PRO D 102 16.46 20.75 2.07
C PRO D 102 17.71 21.31 2.73
N ASN E 2 13.99 -35.00 -10.61
CA ASN E 2 12.65 -34.33 -10.80
C ASN E 2 11.55 -34.93 -9.91
N LYS E 3 11.86 -34.99 -8.62
CA LYS E 3 10.90 -35.38 -7.58
C LYS E 3 9.60 -34.58 -7.63
N LEU E 4 8.48 -35.29 -7.76
CA LEU E 4 7.15 -34.66 -7.79
C LEU E 4 6.23 -35.28 -6.75
N TYR E 5 5.44 -34.45 -6.09
CA TYR E 5 4.32 -34.94 -5.28
C TYR E 5 3.21 -33.90 -5.14
N LYS E 6 2.04 -34.22 -5.69
CA LYS E 6 0.82 -33.42 -5.52
C LYS E 6 1.08 -31.91 -5.59
N ASN E 7 1.36 -31.42 -6.78
CA ASN E 7 1.50 -29.96 -7.03
C ASN E 7 2.79 -29.29 -6.42
N ILE E 8 3.74 -30.11 -5.97
CA ILE E 8 5.05 -29.64 -5.48
C ILE E 8 6.16 -30.36 -6.24
N GLU E 9 6.90 -29.62 -7.05
CA GLU E 9 7.98 -30.18 -7.86
C GLU E 9 9.31 -29.67 -7.32
N ILE E 10 10.26 -30.59 -7.13
CA ILE E 10 11.63 -30.26 -6.71
C ILE E 10 12.56 -30.73 -7.82
N ASP E 11 13.26 -29.78 -8.44
CA ASP E 11 14.34 -30.08 -9.36
C ASP E 11 15.63 -30.10 -8.55
N THR E 12 16.21 -31.28 -8.38
CA THR E 12 17.37 -31.47 -7.50
C THR E 12 18.69 -30.95 -8.09
N ASP E 13 18.79 -30.85 -9.42
CA ASP E 13 20.02 -30.34 -10.07
C ASP E 13 20.19 -28.83 -9.93
N THR E 14 19.10 -28.11 -10.13
CA THR E 14 19.07 -26.65 -9.95
C THR E 14 18.89 -26.21 -8.46
N HIS E 15 18.46 -27.12 -7.58
CA HIS E 15 18.11 -26.79 -6.18
C HIS E 15 16.85 -25.91 -6.07
N SER E 16 15.94 -26.05 -7.03
CA SER E 16 14.72 -25.24 -7.10
C SER E 16 13.51 -26.06 -6.66
N VAL E 17 12.57 -25.44 -5.94
CA VAL E 17 11.27 -26.06 -5.63
C VAL E 17 10.16 -25.19 -6.24
N TYR E 18 9.30 -25.82 -7.04
CA TYR E 18 8.20 -25.12 -7.73
C TYR E 18 6.83 -25.52 -7.19
N ILE E 19 5.89 -24.56 -7.16
CA ILE E 19 4.47 -24.85 -6.95
C ILE E 19 3.74 -24.66 -8.26
N ASN E 23 -2.25 -23.31 -13.04
CA ASN E 23 -1.59 -22.39 -12.12
C ASN E 23 -0.09 -22.65 -12.05
N LYS E 24 0.56 -22.35 -13.15
CA LYS E 24 1.97 -22.53 -13.36
C LYS E 24 2.71 -21.29 -12.93
N LYS E 25 3.84 -21.39 -12.24
CA LYS E 25 4.57 -22.57 -11.82
C LYS E 25 5.43 -21.62 -11.08
N ILE E 26 5.21 -21.47 -9.78
CA ILE E 26 5.91 -20.43 -9.02
C ILE E 26 7.08 -21.02 -8.24
N LEU E 27 8.24 -20.39 -8.40
CA LEU E 27 9.47 -20.78 -7.70
C LEU E 27 9.44 -20.24 -6.28
N LEU E 28 9.83 -21.08 -5.32
CA LEU E 28 9.91 -20.67 -3.91
C LEU E 28 11.32 -20.21 -3.56
N ASN E 29 11.37 -19.20 -2.69
CA ASN E 29 12.62 -18.66 -2.18
C ASN E 29 12.87 -19.34 -0.84
N LEU E 30 13.53 -20.49 -0.90
CA LEU E 30 13.80 -21.30 0.27
C LEU E 30 15.23 -21.10 0.73
N THR E 31 15.42 -21.21 2.04
CA THR E 31 16.73 -21.24 2.63
C THR E 31 17.29 -22.66 2.41
N LEU E 32 18.58 -22.86 2.66
CA LEU E 32 19.20 -24.18 2.51
C LEU E 32 18.56 -25.21 3.44
N THR E 33 18.42 -24.85 4.73
CA THR E 33 17.74 -25.71 5.69
C THR E 33 16.33 -26.07 5.21
N GLU E 34 15.57 -25.06 4.82
CA GLU E 34 14.21 -25.21 4.30
C GLU E 34 14.16 -26.12 3.06
N TYR E 35 15.11 -25.98 2.16
CA TYR E 35 15.21 -26.85 0.98
C TYR E 35 15.42 -28.31 1.40
N LYS E 36 16.32 -28.53 2.35
CA LYS E 36 16.63 -29.89 2.81
C LYS E 36 15.42 -30.56 3.43
N ILE E 37 14.68 -29.81 4.26
CA ILE E 37 13.47 -30.32 4.90
C ILE E 37 12.46 -30.82 3.86
N ILE E 38 12.05 -29.93 2.95
CA ILE E 38 11.05 -30.27 1.92
C ILE E 38 11.52 -31.39 0.99
N SER E 39 12.80 -31.40 0.64
CA SER E 39 13.37 -32.43 -0.23
C SER E 39 13.51 -33.78 0.48
N PHE E 40 13.73 -33.74 1.80
CA PHE E 40 13.84 -34.95 2.63
C PHE E 40 12.48 -35.59 2.83
N MET E 41 11.49 -34.78 3.20
CA MET E 41 10.15 -35.26 3.53
C MET E 41 9.30 -35.68 2.33
N ILE E 42 9.54 -35.10 1.16
CA ILE E 42 8.79 -35.46 -0.05
C ILE E 42 9.07 -36.89 -0.56
N ASP E 43 10.19 -37.49 -0.12
CA ASP E 43 10.49 -38.89 -0.43
C ASP E 43 9.45 -39.83 0.14
N GLN E 44 9.09 -39.59 1.41
CA GLN E 44 8.03 -40.31 2.12
C GLN E 44 7.02 -39.27 2.64
N PRO E 45 6.11 -38.79 1.77
CA PRO E 45 5.22 -37.68 2.16
C PRO E 45 4.43 -37.96 3.43
N HIS E 46 3.84 -39.14 3.50
CA HIS E 46 2.95 -39.53 4.60
C HIS E 46 3.67 -39.98 5.87
N LYS E 47 4.98 -40.20 5.81
CA LYS E 47 5.75 -40.62 6.98
C LYS E 47 5.86 -39.50 8.00
N VAL E 48 5.77 -39.89 9.29
CA VAL E 48 6.04 -39.00 10.39
C VAL E 48 7.55 -39.03 10.65
N PHE E 49 8.19 -37.89 10.42
CA PHE E 49 9.62 -37.72 10.74
C PHE E 49 9.72 -37.14 12.12
N THR E 50 10.63 -37.67 12.94
CA THR E 50 10.90 -37.07 14.25
C THR E 50 11.71 -35.80 14.10
N ARG E 51 11.76 -35.01 15.18
CA ARG E 51 12.57 -33.80 15.19
C ARG E 51 14.05 -34.17 15.11
N GLY E 52 14.44 -35.26 15.76
CA GLY E 52 15.80 -35.78 15.68
C GLY E 52 16.25 -36.14 14.27
N GLU E 53 15.35 -36.74 13.49
CA GLU E 53 15.65 -37.09 12.09
C GLU E 53 15.79 -35.85 11.23
N LEU E 54 14.88 -34.90 11.38
CA LEU E 54 14.93 -33.65 10.63
C LEU E 54 16.18 -32.84 10.98
N MET E 55 16.57 -32.84 12.25
CA MET E 55 17.75 -32.11 12.71
C MET E 55 19.04 -32.67 12.11
N ASN E 56 19.22 -33.99 12.21
CA ASN E 56 20.42 -34.65 11.68
C ASN E 56 20.54 -34.56 10.16
N HIS E 57 19.41 -34.54 9.48
CA HIS E 57 19.37 -34.58 8.01
C HIS E 57 19.31 -33.20 7.35
N CYS E 58 18.69 -32.22 8.02
CA CYS E 58 18.39 -30.94 7.39
C CYS E 58 19.01 -29.68 8.00
N MET E 59 19.69 -29.79 9.15
CA MET E 59 20.05 -28.58 9.94
C MET E 59 21.55 -28.48 10.25
N ASN E 60 22.32 -28.38 9.17
CA ASN E 60 23.78 -28.13 9.26
C ASN E 60 24.25 -27.34 8.07
N LEU E 65 15.95 -25.56 22.61
CA LEU E 65 16.50 -26.23 21.43
C LEU E 65 15.43 -26.66 20.44
N GLU E 66 14.35 -27.26 20.93
CA GLU E 66 13.35 -27.90 20.09
C GLU E 66 12.58 -26.89 19.28
N ARG E 67 12.41 -25.67 19.82
CA ARG E 67 11.72 -24.61 19.11
C ARG E 67 12.42 -24.27 17.79
N THR E 68 13.77 -24.36 17.73
CA THR E 68 14.50 -24.07 16.51
C THR E 68 14.14 -25.03 15.37
N VAL E 69 13.89 -26.30 15.69
CA VAL E 69 13.49 -27.24 14.64
C VAL E 69 12.13 -26.82 14.11
N ASP E 70 11.27 -26.57 15.12
CA ASP E 70 9.87 -26.22 14.82
C ASP E 70 9.84 -24.93 14.00
N SER E 71 10.72 -23.99 14.32
CA SER E 71 10.81 -22.71 13.63
C SER E 71 11.19 -22.85 12.17
N HIS E 72 12.14 -23.74 11.84
CA HIS E 72 12.47 -23.99 10.42
C HIS E 72 11.28 -24.54 9.67
N VAL E 73 10.53 -25.44 10.32
CA VAL E 73 9.37 -26.06 9.71
C VAL E 73 8.26 -25.00 9.51
N SER E 74 8.07 -24.15 10.52
CA SER E 74 7.12 -23.04 10.47
C SER E 74 7.39 -22.11 9.30
N LYS E 75 8.63 -21.66 9.18
CA LYS E 75 9.04 -20.74 8.11
C LYS E 75 8.84 -21.36 6.73
N LEU E 76 9.15 -22.65 6.59
CA LEU E 76 8.83 -23.36 5.37
C LEU E 76 7.32 -23.40 5.12
N ARG E 77 6.55 -23.72 6.17
CA ARG E 77 5.08 -23.81 6.06
C ARG E 77 4.48 -22.51 5.57
N LYS E 78 4.91 -21.39 6.16
CA LYS E 78 4.42 -20.07 5.75
C LYS E 78 4.67 -19.85 4.27
N LYS E 79 5.86 -20.19 3.78
CA LYS E 79 6.18 -20.06 2.36
C LYS E 79 5.27 -20.93 1.48
N LEU E 80 4.92 -22.12 1.94
CA LEU E 80 3.94 -22.95 1.24
C LEU E 80 2.53 -22.32 1.25
N GLU E 81 2.12 -21.76 2.38
CA GLU E 81 0.76 -21.17 2.48
C GLU E 81 0.58 -19.93 1.60
N GLU E 82 1.63 -19.11 1.44
CA GLU E 82 1.54 -17.93 0.56
C GLU E 82 1.45 -18.29 -0.95
N GLN E 83 1.66 -19.58 -1.29
CA GLN E 83 1.34 -20.11 -2.63
C GLN E 83 0.07 -20.95 -2.58
N GLY E 84 -0.84 -20.66 -1.66
CA GLY E 84 -2.11 -21.36 -1.54
C GLY E 84 -2.05 -22.83 -1.20
N ILE E 85 -1.03 -23.24 -0.44
CA ILE E 85 -0.89 -24.64 0.00
C ILE E 85 -0.94 -24.70 1.52
N PHE E 86 -2.11 -25.10 2.02
CA PHE E 86 -2.45 -25.14 3.44
C PHE E 86 -2.62 -26.60 3.81
N GLN E 87 -2.70 -26.93 5.10
CA GLN E 87 -2.74 -28.32 5.59
C GLN E 87 -1.61 -29.29 5.11
N MET E 88 -0.47 -28.69 4.76
CA MET E 88 0.81 -29.38 4.57
C MET E 88 1.65 -29.15 5.84
N LEU E 89 2.71 -29.92 6.03
CA LEU E 89 3.54 -29.85 7.26
C LEU E 89 2.80 -29.97 8.62
N ILE E 90 1.95 -30.99 8.69
CA ILE E 90 1.14 -31.26 9.88
C ILE E 90 2.01 -31.84 11.00
N ASN E 91 1.86 -31.25 12.18
CA ASN E 91 2.56 -31.70 13.37
C ASN E 91 1.85 -32.92 13.91
N VAL E 92 2.64 -33.90 14.38
CA VAL E 92 2.12 -35.09 15.05
C VAL E 92 2.64 -34.98 16.49
N ARG E 93 1.74 -34.61 17.38
CA ARG E 93 2.06 -34.17 18.73
C ARG E 93 2.94 -35.21 19.48
N GLY E 94 4.07 -34.74 19.97
CA GLY E 94 5.00 -35.56 20.73
C GLY E 94 5.97 -36.40 19.92
N VAL E 95 5.85 -36.38 18.59
CA VAL E 95 6.70 -37.20 17.71
C VAL E 95 7.48 -36.27 16.75
N GLY E 96 6.76 -35.49 15.96
CA GLY E 96 7.39 -34.59 14.99
C GLY E 96 6.44 -34.06 13.93
N TYR E 97 6.75 -34.34 12.66
CA TYR E 97 6.02 -33.77 11.53
C TYR E 97 5.80 -34.74 10.39
N ARG E 98 4.77 -34.44 9.60
CA ARG E 98 4.37 -35.19 8.43
C ARG E 98 4.08 -34.18 7.32
N LEU E 99 4.47 -34.51 6.08
CA LEU E 99 4.22 -33.63 4.96
C LEU E 99 2.73 -33.66 4.60
N ASP E 100 2.12 -34.85 4.52
CA ASP E 100 0.70 -34.94 4.14
C ASP E 100 -0.01 -36.16 4.73
N ASN E 101 -1.26 -36.00 5.17
CA ASN E 101 -2.05 -37.17 5.60
C ASN E 101 -2.54 -37.98 4.40
N ASN F 2 36.43 -13.78 -4.96
CA ASN F 2 36.14 -12.41 -5.49
C ASN F 2 37.26 -11.95 -6.43
N LYS F 3 36.91 -11.63 -7.69
CA LYS F 3 37.81 -10.91 -8.60
C LYS F 3 38.39 -9.64 -7.98
N LEU F 4 39.73 -9.55 -7.91
CA LEU F 4 40.43 -8.38 -7.41
C LEU F 4 41.43 -7.89 -8.46
N TYR F 5 41.54 -6.57 -8.59
CA TYR F 5 42.65 -5.96 -9.34
C TYR F 5 42.89 -4.52 -8.92
N LYS F 6 44.06 -4.27 -8.30
CA LYS F 6 44.53 -2.92 -7.97
C LYS F 6 43.42 -2.01 -7.47
N ASN F 7 42.97 -2.25 -6.24
CA ASN F 7 42.00 -1.37 -5.56
C ASN F 7 40.54 -1.41 -6.13
N ILE F 8 40.23 -2.39 -6.98
CA ILE F 8 38.87 -2.64 -7.50
C ILE F 8 38.51 -4.10 -7.20
N GLU F 9 37.53 -4.30 -6.32
CA GLU F 9 37.04 -5.62 -5.97
C GLU F 9 35.65 -5.81 -6.55
N ILE F 10 35.43 -6.96 -7.18
CA ILE F 10 34.13 -7.39 -7.67
C ILE F 10 33.74 -8.68 -6.95
N ASP F 11 32.67 -8.63 -6.17
CA ASP F 11 32.07 -9.82 -5.59
C ASP F 11 30.99 -10.30 -6.57
N THR F 12 31.23 -11.44 -7.21
CA THR F 12 30.36 -11.94 -8.28
C THR F 12 29.03 -12.53 -7.79
N ASP F 13 28.97 -12.99 -6.53
CA ASP F 13 27.74 -13.59 -5.98
C ASP F 13 26.69 -12.54 -5.63
N THR F 14 27.14 -11.44 -5.02
CA THR F 14 26.26 -10.31 -4.72
C THR F 14 26.06 -9.34 -5.90
N HIS F 15 26.86 -9.42 -6.96
CA HIS F 15 26.85 -8.43 -8.07
C HIS F 15 27.31 -7.03 -7.63
N SER F 16 28.18 -6.98 -6.64
CA SER F 16 28.69 -5.73 -6.07
C SER F 16 30.11 -5.44 -6.58
N VAL F 17 30.41 -4.16 -6.84
CA VAL F 17 31.76 -3.73 -7.15
C VAL F 17 32.19 -2.69 -6.10
N TYR F 18 33.32 -2.94 -5.45
CA TYR F 18 33.85 -2.07 -4.39
C TYR F 18 35.12 -1.34 -4.82
N ILE F 19 35.29 -0.10 -4.36
CA ILE F 19 36.56 0.62 -4.41
C ILE F 19 37.16 0.66 -3.01
N HIS F 20 38.46 0.38 -2.90
CA HIS F 20 39.18 0.37 -1.62
C HIS F 20 39.72 1.78 -1.31
N SER F 21 39.80 2.10 -0.01
CA SER F 21 40.07 3.46 0.48
C SER F 21 40.35 3.40 1.98
N ILE F 26 34.22 1.37 -0.66
CA ILE F 26 33.05 2.09 -1.15
C ILE F 26 32.35 1.28 -2.24
N LEU F 27 31.05 1.00 -2.04
CA LEU F 27 30.24 0.28 -3.03
C LEU F 27 29.80 1.24 -4.12
N LEU F 28 29.89 0.78 -5.37
CA LEU F 28 29.44 1.57 -6.53
C LEU F 28 28.03 1.19 -6.91
N ASN F 29 27.28 2.19 -7.36
CA ASN F 29 25.94 2.02 -7.90
C ASN F 29 26.06 1.89 -9.41
N LEU F 30 26.30 0.66 -9.87
CA LEU F 30 26.46 0.38 -11.28
C LEU F 30 25.17 -0.17 -11.86
N THR F 31 24.96 0.13 -13.13
CA THR F 31 23.90 -0.44 -13.91
C THR F 31 24.34 -1.86 -14.29
N LEU F 32 23.43 -2.69 -14.81
CA LEU F 32 23.76 -4.04 -15.23
C LEU F 32 24.79 -4.05 -16.35
N THR F 33 24.55 -3.24 -17.38
CA THR F 33 25.53 -3.07 -18.47
C THR F 33 26.90 -2.66 -17.93
N GLU F 34 26.91 -1.63 -17.09
CA GLU F 34 28.13 -1.13 -16.44
C GLU F 34 28.85 -2.20 -15.63
N TYR F 35 28.09 -3.02 -14.88
CA TYR F 35 28.67 -4.14 -14.14
C TYR F 35 29.36 -5.14 -15.09
N LYS F 36 28.69 -5.48 -16.19
CA LYS F 36 29.22 -6.44 -17.15
C LYS F 36 30.54 -5.95 -17.76
N ILE F 38 32.87 -3.72 -16.52
CA ILE F 38 33.95 -3.77 -15.53
C ILE F 38 34.33 -5.21 -15.13
N SER F 39 33.35 -6.09 -15.05
CA SER F 39 33.59 -7.51 -14.71
C SER F 39 34.23 -8.28 -15.87
N PHE F 40 33.93 -7.86 -17.10
CA PHE F 40 34.51 -8.45 -18.30
C PHE F 40 35.98 -8.03 -18.49
N MET F 41 36.22 -6.73 -18.34
CA MET F 41 37.55 -6.15 -18.55
C MET F 41 38.58 -6.44 -17.47
N ILE F 42 38.12 -6.64 -16.23
CA ILE F 42 39.03 -6.94 -15.11
C ILE F 42 39.71 -8.33 -15.23
N ASP F 43 39.15 -9.22 -16.04
CA ASP F 43 39.77 -10.52 -16.33
C ASP F 43 41.12 -10.35 -17.01
N GLN F 44 41.16 -9.47 -18.00
CA GLN F 44 42.38 -9.09 -18.72
C GLN F 44 42.53 -7.55 -18.63
N PRO F 45 43.03 -7.05 -17.49
CA PRO F 45 43.03 -5.59 -17.24
C PRO F 45 43.71 -4.81 -18.35
N HIS F 46 44.90 -5.26 -18.75
CA HIS F 46 45.74 -4.53 -19.71
C HIS F 46 45.33 -4.72 -21.17
N LYS F 47 44.44 -5.67 -21.45
CA LYS F 47 43.99 -5.93 -22.81
C LYS F 47 43.14 -4.79 -23.33
N VAL F 48 43.33 -4.47 -24.62
CA VAL F 48 42.46 -3.55 -25.33
C VAL F 48 41.27 -4.35 -25.87
N PHE F 49 40.08 -4.05 -25.36
CA PHE F 49 38.85 -4.65 -25.87
C PHE F 49 38.29 -3.74 -26.93
N THR F 50 37.84 -4.32 -28.05
CA THR F 50 37.17 -3.55 -29.06
C THR F 50 35.75 -3.20 -28.64
N ARG F 51 35.15 -2.26 -29.36
CA ARG F 51 33.76 -1.87 -29.12
C ARG F 51 32.84 -3.04 -29.43
N GLY F 52 33.16 -3.80 -30.50
CA GLY F 52 32.41 -4.99 -30.87
C GLY F 52 32.40 -6.07 -29.80
N GLU F 53 33.54 -6.26 -29.13
CA GLU F 53 33.65 -7.23 -28.03
C GLU F 53 32.84 -6.80 -26.82
N LEU F 54 32.96 -5.53 -26.45
CA LEU F 54 32.20 -4.98 -25.32
C LEU F 54 30.69 -5.04 -25.58
N MET F 55 30.29 -4.76 -26.83
CA MET F 55 28.88 -4.76 -27.22
C MET F 55 28.26 -6.15 -27.09
N ASN F 56 28.92 -7.15 -27.70
CA ASN F 56 28.43 -8.52 -27.69
C ASN F 56 28.40 -9.15 -26.30
N HIS F 57 29.33 -8.75 -25.44
CA HIS F 57 29.49 -9.33 -24.11
C HIS F 57 28.75 -8.58 -23.00
N CYS F 58 28.59 -7.27 -23.14
CA CYS F 58 28.09 -6.45 -22.03
C CYS F 58 26.78 -5.69 -22.26
N MET F 59 26.24 -5.65 -23.48
CA MET F 59 25.17 -4.69 -23.82
C MET F 59 23.89 -5.36 -24.35
N ASN F 60 23.38 -6.31 -23.58
CA ASN F 60 22.11 -6.97 -23.87
C ASN F 60 21.08 -6.38 -22.93
N LEU F 65 26.01 5.14 -32.92
CA LEU F 65 26.27 3.87 -33.52
C LEU F 65 27.39 3.45 -32.54
N GLU F 66 28.63 3.72 -32.92
CA GLU F 66 29.80 3.46 -32.13
C GLU F 66 29.85 4.38 -30.92
N ARG F 67 29.32 5.59 -31.06
CA ARG F 67 29.29 6.53 -29.95
C ARG F 67 28.49 5.99 -28.76
N THR F 68 27.45 5.19 -29.01
CA THR F 68 26.67 4.59 -27.94
C THR F 68 27.50 3.67 -27.03
N VAL F 69 28.41 2.91 -27.65
CA VAL F 69 29.28 2.04 -26.82
C VAL F 69 30.17 2.95 -25.96
N ASP F 70 30.71 3.97 -26.65
CA ASP F 70 31.57 4.94 -26.00
C ASP F 70 30.90 5.59 -24.82
N SER F 71 29.63 5.94 -24.99
CA SER F 71 28.88 6.60 -23.92
C SER F 71 28.70 5.71 -22.69
N HIS F 72 28.45 4.41 -22.89
CA HIS F 72 28.38 3.50 -21.74
C HIS F 72 29.70 3.45 -20.97
N VAL F 73 30.80 3.43 -21.73
CA VAL F 73 32.14 3.36 -21.16
C VAL F 73 32.45 4.68 -20.40
N SER F 74 32.09 5.79 -21.03
CA SER F 74 32.23 7.12 -20.41
C SER F 74 31.52 7.22 -19.06
N LYS F 75 30.26 6.82 -19.04
CA LYS F 75 29.43 6.87 -17.83
C LYS F 75 29.99 5.97 -16.73
N LEU F 76 30.50 4.80 -17.09
CA LEU F 76 31.23 3.95 -16.15
C LEU F 76 32.47 4.69 -15.62
N ARG F 77 33.24 5.28 -16.54
CA ARG F 77 34.47 5.99 -16.18
C ARG F 77 34.18 7.10 -15.14
N LYS F 78 33.18 7.91 -15.42
CA LYS F 78 32.77 8.98 -14.50
C LYS F 78 32.48 8.44 -13.11
N LYS F 79 31.74 7.32 -13.03
CA LYS F 79 31.46 6.67 -11.73
C LYS F 79 32.74 6.22 -11.02
N LEU F 80 33.73 5.74 -11.77
CA LEU F 80 35.04 5.44 -11.18
C LEU F 80 35.77 6.70 -10.68
N GLU F 81 35.71 7.79 -11.45
CA GLU F 81 36.40 9.04 -11.08
C GLU F 81 35.81 9.69 -9.82
N GLU F 82 34.49 9.61 -9.63
CA GLU F 82 33.83 10.14 -8.40
C GLU F 82 34.18 9.35 -7.14
N GLN F 83 34.88 8.20 -7.27
CA GLN F 83 35.40 7.38 -6.18
C GLN F 83 34.46 6.58 -5.20
N ILE F 85 39.18 7.53 -8.64
CA ILE F 85 39.94 6.64 -9.50
C ILE F 85 39.97 7.15 -10.93
N PHE F 86 41.11 7.73 -11.29
CA PHE F 86 41.33 8.43 -12.56
C PHE F 86 42.30 7.61 -13.39
N GLN F 87 42.48 7.92 -14.67
CA GLN F 87 43.36 7.20 -15.59
C GLN F 87 43.15 5.66 -15.71
N MET F 88 41.92 5.23 -15.45
CA MET F 88 41.57 3.79 -15.44
C MET F 88 40.95 3.17 -16.71
N LEU F 89 39.94 3.79 -17.30
CA LEU F 89 39.33 3.21 -18.52
C LEU F 89 39.86 3.99 -19.69
N ILE F 90 41.13 3.76 -20.05
CA ILE F 90 41.80 4.49 -21.12
C ILE F 90 41.30 4.04 -22.48
N ASN F 91 40.93 5.02 -23.30
CA ASN F 91 40.51 4.78 -24.66
C ASN F 91 41.75 4.57 -25.52
N VAL F 92 41.67 3.64 -26.46
CA VAL F 92 42.71 3.43 -27.47
C VAL F 92 42.06 3.81 -28.81
N ARG F 93 42.44 4.99 -29.28
CA ARG F 93 41.73 5.72 -30.32
C ARG F 93 41.37 4.91 -31.54
N GLY F 94 40.06 4.83 -31.82
CA GLY F 94 39.56 4.15 -33.00
C GLY F 94 39.38 2.66 -32.87
N VAL F 95 39.80 2.06 -31.74
CA VAL F 95 39.88 0.59 -31.60
C VAL F 95 39.03 0.17 -30.41
N GLY F 96 39.30 0.69 -29.22
CA GLY F 96 38.33 0.58 -28.12
C GLY F 96 38.85 1.07 -26.77
N TYR F 97 38.85 0.18 -25.78
CA TYR F 97 39.18 0.55 -24.40
C TYR F 97 40.01 -0.47 -23.66
N ARG F 98 40.70 0.04 -22.64
CA ARG F 98 41.63 -0.73 -21.82
C ARG F 98 41.39 -0.29 -20.37
N LEU F 99 41.44 -1.25 -19.45
CA LEU F 99 41.30 -0.92 -18.02
C LEU F 99 42.58 -0.26 -17.51
N ASP F 100 43.73 -0.83 -17.85
CA ASP F 100 45.03 -0.43 -17.27
C ASP F 100 44.98 0.05 -15.82
#